data_5WFJ
#
_entry.id   5WFJ
#
_cell.length_a   47.340
_cell.length_b   75.690
_cell.length_c   88.950
_cell.angle_alpha   90.00
_cell.angle_beta   90.00
_cell.angle_gamma   90.00
#
_symmetry.space_group_name_H-M   'P 21 21 21'
#
loop_
_entity.id
_entity.type
_entity.pdbx_description
1 polymer 'Tyrosine-protein kinase JAK3'
2 non-polymer 4-({[3-(propanoylamino)phenyl]methyl}amino)pyrrolo[1,2-b]pyridazine-3-carboxamide
3 water water
#
_entity_poly.entity_id   1
_entity_poly.type   'polypeptide(L)'
_entity_poly.pdbx_seq_one_letter_code
;GPASQDPTIFEERHLKYISQLGKGNFGSVELCRYDPLGDNTGALVAVKQLQHSGPDQQRDFQREIQILKALHSDFIVKYR
GVSYGPGRQSLRLVMEYLPSGCLRDFLQRHRARLDASRLLLYSSQICKGMEYLGSRRCVHRDLAARNILVESEAHVKIAD
FGLAKLLPLDKDYYVVREPGQSPIFWYAPESLSDNIFSRQSDVWSFGVVLYELFTYCDKSCSPSAEFLRMMGSERDVPAL
SRLLELLEEGQRLPAPPACPAEVHELMKLCWAPSPQDRPSFSALGPQLDMLWS
;
_entity_poly.pdbx_strand_id   A
#
loop_
_chem_comp.id
_chem_comp.type
_chem_comp.name
_chem_comp.formula
9Z4 non-polymer 4-({[3-(propanoylamino)phenyl]methyl}amino)pyrrolo[1,2-b]pyridazine-3-carboxamide 'C18 H19 N5 O2'
#
# COMPACT_ATOMS: atom_id res chain seq x y z
N PHE A 10 -7.90 -14.09 -21.90
CA PHE A 10 -7.89 -15.14 -20.89
C PHE A 10 -9.28 -15.77 -20.80
N GLU A 11 -9.47 -16.96 -21.41
CA GLU A 11 -10.74 -17.69 -21.37
C GLU A 11 -11.01 -18.16 -19.94
N GLU A 12 -12.21 -17.85 -19.38
CA GLU A 12 -12.55 -18.24 -18.00
C GLU A 12 -12.43 -19.75 -17.76
N ARG A 13 -12.74 -20.56 -18.79
CA ARG A 13 -12.67 -22.02 -18.74
C ARG A 13 -11.23 -22.57 -18.61
N HIS A 14 -10.22 -21.70 -18.83
CA HIS A 14 -8.79 -22.06 -18.75
C HIS A 14 -8.14 -21.50 -17.49
N LEU A 15 -8.92 -20.84 -16.62
CA LEU A 15 -8.47 -20.31 -15.33
C LEU A 15 -8.89 -21.30 -14.26
N LYS A 16 -7.91 -22.04 -13.72
CA LYS A 16 -8.18 -23.08 -12.72
C LYS A 16 -7.90 -22.59 -11.32
N TYR A 17 -8.92 -22.69 -10.46
CA TYR A 17 -8.88 -22.23 -9.08
C TYR A 17 -7.93 -23.09 -8.22
N ILE A 18 -7.11 -22.41 -7.38
CA ILE A 18 -6.23 -23.10 -6.45
C ILE A 18 -6.62 -22.76 -5.01
N SER A 19 -6.56 -21.46 -4.67
CA SER A 19 -6.88 -20.95 -3.34
C SER A 19 -7.21 -19.47 -3.38
N GLN A 20 -7.53 -18.91 -2.21
CA GLN A 20 -7.82 -17.50 -1.97
C GLN A 20 -6.51 -16.77 -1.57
N LEU A 21 -6.37 -15.49 -1.98
CA LEU A 21 -5.19 -14.68 -1.66
C LEU A 21 -5.54 -13.48 -0.77
N GLY A 22 -6.54 -12.71 -1.19
CA GLY A 22 -7.05 -11.54 -0.48
C GLY A 22 -8.55 -11.60 -0.34
N GLY A 27 -14.78 -7.51 -2.40
CA GLY A 27 -14.12 -8.24 -3.48
C GLY A 27 -12.97 -9.13 -3.03
N SER A 28 -12.67 -10.16 -3.85
CA SER A 28 -11.61 -11.11 -3.53
C SER A 28 -10.61 -11.34 -4.69
N VAL A 29 -9.38 -11.73 -4.30
CA VAL A 29 -8.26 -12.08 -5.19
C VAL A 29 -7.99 -13.57 -4.96
N GLU A 30 -7.97 -14.34 -6.06
CA GLU A 30 -7.73 -15.79 -6.02
C GLU A 30 -6.49 -16.13 -6.80
N LEU A 31 -5.81 -17.19 -6.37
CA LEU A 31 -4.69 -17.80 -7.05
C LEU A 31 -5.29 -18.84 -8.01
N CYS A 32 -5.08 -18.61 -9.31
CA CYS A 32 -5.52 -19.46 -10.41
C CYS A 32 -4.33 -19.84 -11.26
N ARG A 33 -4.46 -20.94 -12.00
CA ARG A 33 -3.47 -21.30 -13.00
C ARG A 33 -4.10 -21.10 -14.36
N TYR A 34 -3.42 -20.34 -15.27
CA TYR A 34 -3.86 -20.21 -16.66
C TYR A 34 -3.32 -21.42 -17.40
N ASP A 35 -4.17 -22.46 -17.44
CA ASP A 35 -3.89 -23.77 -17.99
C ASP A 35 -4.60 -24.04 -19.34
N PRO A 36 -4.15 -23.45 -20.49
CA PRO A 36 -4.82 -23.74 -21.77
C PRO A 36 -4.70 -25.21 -22.20
N LEU A 37 -3.53 -25.85 -21.93
CA LEU A 37 -3.30 -27.24 -22.30
C LEU A 37 -4.13 -28.18 -21.42
N GLY A 38 -4.54 -27.68 -20.23
CA GLY A 38 -5.32 -28.40 -19.22
C GLY A 38 -4.57 -29.53 -18.54
N ASP A 39 -3.21 -29.46 -18.56
CA ASP A 39 -2.26 -30.46 -18.07
C ASP A 39 -1.54 -30.16 -16.73
N ASN A 40 -1.88 -29.03 -16.06
CA ASN A 40 -1.32 -28.51 -14.80
C ASN A 40 0.07 -27.98 -14.98
N THR A 41 0.37 -27.51 -16.21
CA THR A 41 1.71 -26.97 -16.55
C THR A 41 1.71 -25.46 -16.76
N GLY A 42 0.53 -24.85 -16.92
CA GLY A 42 0.37 -23.41 -17.14
C GLY A 42 0.88 -22.50 -16.04
N ALA A 43 1.05 -21.21 -16.37
CA ALA A 43 1.51 -20.15 -15.45
C ALA A 43 0.49 -19.79 -14.35
N LEU A 44 0.99 -19.42 -13.18
CA LEU A 44 0.16 -19.02 -12.05
C LEU A 44 -0.17 -17.53 -12.13
N VAL A 45 -1.45 -17.17 -11.93
CA VAL A 45 -1.90 -15.76 -11.98
C VAL A 45 -2.75 -15.41 -10.74
N ALA A 46 -2.83 -14.11 -10.42
CA ALA A 46 -3.68 -13.60 -9.34
C ALA A 46 -4.88 -12.92 -10.06
N VAL A 47 -6.10 -13.35 -9.71
CA VAL A 47 -7.32 -12.90 -10.39
C VAL A 47 -8.29 -12.26 -9.39
N LYS A 48 -8.69 -11.01 -9.66
CA LYS A 48 -9.59 -10.28 -8.80
C LYS A 48 -10.99 -10.21 -9.39
N GLN A 49 -11.99 -10.44 -8.55
CA GLN A 49 -13.38 -10.35 -8.95
C GLN A 49 -14.26 -9.73 -7.89
N LEU A 50 -15.45 -9.29 -8.31
CA LEU A 50 -16.55 -8.78 -7.47
C LEU A 50 -17.29 -10.03 -6.97
N GLN A 51 -17.58 -10.09 -5.64
CA GLN A 51 -18.30 -11.21 -5.02
C GLN A 51 -19.68 -10.79 -4.50
N PRO A 55 -24.04 -2.81 -10.00
CA PRO A 55 -24.46 -1.65 -9.21
C PRO A 55 -23.40 -0.55 -9.24
N ASP A 56 -23.02 -0.02 -8.05
CA ASP A 56 -21.97 1.00 -7.90
C ASP A 56 -20.61 0.30 -7.72
N GLN A 57 -20.62 -0.96 -7.22
CA GLN A 57 -19.44 -1.80 -7.02
C GLN A 57 -18.82 -2.19 -8.38
N GLN A 58 -19.69 -2.36 -9.42
CA GLN A 58 -19.29 -2.67 -10.79
C GLN A 58 -18.55 -1.48 -11.41
N ARG A 59 -18.91 -0.25 -10.99
CA ARG A 59 -18.28 0.98 -11.44
C ARG A 59 -16.92 1.15 -10.76
N ASP A 60 -16.83 0.76 -9.46
CA ASP A 60 -15.63 0.78 -8.64
C ASP A 60 -14.56 -0.17 -9.24
N PHE A 61 -15.00 -1.39 -9.64
CA PHE A 61 -14.18 -2.45 -10.21
C PHE A 61 -13.64 -2.11 -11.61
N GLN A 62 -14.50 -1.53 -12.51
CA GLN A 62 -14.11 -1.10 -13.85
C GLN A 62 -13.01 -0.03 -13.76
N ARG A 63 -13.14 0.89 -12.77
CA ARG A 63 -12.20 1.97 -12.49
C ARG A 63 -10.82 1.39 -12.12
N GLU A 64 -10.79 0.34 -11.24
CA GLU A 64 -9.59 -0.33 -10.75
C GLU A 64 -8.82 -0.94 -11.90
N ILE A 65 -9.53 -1.54 -12.88
CA ILE A 65 -8.96 -2.13 -14.09
C ILE A 65 -8.27 -1.06 -14.93
N GLN A 66 -8.99 0.02 -15.25
CA GLN A 66 -8.49 1.13 -16.08
C GLN A 66 -7.24 1.81 -15.49
N ILE A 67 -7.24 2.06 -14.17
CA ILE A 67 -6.13 2.62 -13.43
C ILE A 67 -4.92 1.69 -13.52
N LEU A 68 -5.12 0.40 -13.20
CA LEU A 68 -4.01 -0.57 -13.17
C LEU A 68 -3.43 -0.90 -14.56
N LYS A 69 -4.29 -0.97 -15.59
CA LYS A 69 -3.90 -1.24 -16.97
C LYS A 69 -2.99 -0.10 -17.52
N ALA A 70 -3.19 1.14 -17.01
CA ALA A 70 -2.45 2.33 -17.44
C ALA A 70 -1.19 2.61 -16.63
N LEU A 71 -0.94 1.78 -15.60
CA LEU A 71 0.26 1.89 -14.77
C LEU A 71 1.35 0.98 -15.31
N HIS A 72 2.58 1.50 -15.39
CA HIS A 72 3.74 0.75 -15.89
C HIS A 72 4.99 1.11 -15.06
N SER A 73 5.21 0.37 -13.98
CA SER A 73 6.34 0.58 -13.07
C SER A 73 6.87 -0.73 -12.54
N ASP A 74 8.20 -0.80 -12.34
CA ASP A 74 8.83 -1.98 -11.76
C ASP A 74 8.42 -2.14 -10.30
N PHE A 75 7.90 -1.04 -9.70
CA PHE A 75 7.47 -0.94 -8.30
C PHE A 75 5.90 -0.94 -8.09
N ILE A 76 5.14 -1.30 -9.14
CA ILE A 76 3.68 -1.48 -9.10
C ILE A 76 3.32 -2.88 -9.63
N VAL A 77 2.48 -3.63 -8.92
CA VAL A 77 2.01 -4.97 -9.37
C VAL A 77 1.51 -4.89 -10.84
N LYS A 78 2.02 -5.79 -11.68
CA LYS A 78 1.81 -5.84 -13.13
C LYS A 78 0.44 -6.35 -13.50
N TYR A 79 -0.25 -5.57 -14.36
CA TYR A 79 -1.54 -5.90 -14.93
C TYR A 79 -1.26 -6.93 -16.05
N ARG A 80 -2.05 -8.01 -16.16
CA ARG A 80 -1.84 -8.99 -17.25
C ARG A 80 -2.89 -8.88 -18.35
N GLY A 81 -4.16 -8.75 -17.93
CA GLY A 81 -5.30 -8.59 -18.81
C GLY A 81 -6.60 -8.72 -18.06
N VAL A 82 -7.70 -9.01 -18.79
CA VAL A 82 -9.03 -9.27 -18.24
C VAL A 82 -9.48 -10.63 -18.73
N SER A 83 -10.42 -11.28 -18.02
CA SER A 83 -10.94 -12.60 -18.45
C SER A 83 -12.24 -12.48 -19.24
N TYR A 84 -12.52 -13.50 -20.08
CA TYR A 84 -13.75 -13.59 -20.88
C TYR A 84 -14.33 -15.00 -20.80
N GLY A 85 -15.63 -15.09 -20.54
CA GLY A 85 -16.35 -16.35 -20.45
C GLY A 85 -17.86 -16.21 -20.45
N PRO A 86 -18.61 -17.31 -20.14
CA PRO A 86 -20.09 -17.20 -20.14
C PRO A 86 -20.69 -16.35 -19.03
N LEU A 91 -16.65 -10.47 -15.94
CA LEU A 91 -15.28 -9.97 -16.09
C LEU A 91 -14.43 -10.07 -14.82
N ARG A 92 -13.15 -10.46 -15.01
CA ARG A 92 -12.18 -10.58 -13.93
C ARG A 92 -10.88 -9.92 -14.35
N LEU A 93 -10.17 -9.35 -13.37
CA LEU A 93 -8.91 -8.66 -13.56
C LEU A 93 -7.75 -9.65 -13.34
N VAL A 94 -6.90 -9.83 -14.36
CA VAL A 94 -5.80 -10.77 -14.28
C VAL A 94 -4.50 -10.02 -14.05
N MET A 95 -3.76 -10.41 -12.97
CA MET A 95 -2.49 -9.78 -12.60
C MET A 95 -1.45 -10.87 -12.37
N GLU A 96 -0.19 -10.45 -12.22
CA GLU A 96 0.94 -11.32 -11.91
C GLU A 96 0.82 -11.84 -10.46
N TYR A 97 1.38 -13.02 -10.22
CA TYR A 97 1.37 -13.66 -8.92
C TYR A 97 2.79 -13.63 -8.38
N LEU A 98 2.95 -13.15 -7.15
CA LEU A 98 4.24 -13.00 -6.45
C LEU A 98 4.22 -14.01 -5.28
N PRO A 99 4.81 -15.21 -5.47
CA PRO A 99 4.72 -16.27 -4.43
C PRO A 99 5.08 -15.86 -3.00
N SER A 100 6.03 -14.93 -2.84
CA SER A 100 6.46 -14.44 -1.52
C SER A 100 5.34 -13.76 -0.72
N GLY A 101 4.33 -13.21 -1.40
CA GLY A 101 3.19 -12.57 -0.76
C GLY A 101 3.45 -11.19 -0.17
N CYS A 102 2.60 -10.78 0.80
CA CYS A 102 2.66 -9.44 1.40
C CYS A 102 3.96 -9.18 2.20
N LEU A 103 4.38 -7.91 2.19
CA LEU A 103 5.56 -7.44 2.91
C LEU A 103 5.41 -7.59 4.41
N ARG A 104 4.19 -7.40 4.95
CA ARG A 104 3.95 -7.55 6.40
C ARG A 104 4.41 -8.91 6.95
N ASP A 105 3.92 -10.01 6.39
CA ASP A 105 4.23 -11.37 6.82
C ASP A 105 5.71 -11.77 6.51
N PHE A 106 6.24 -11.32 5.35
CA PHE A 106 7.62 -11.58 4.91
C PHE A 106 8.63 -10.95 5.89
N LEU A 107 8.35 -9.71 6.35
CA LEU A 107 9.16 -9.00 7.34
C LEU A 107 9.20 -9.77 8.68
N GLN A 108 8.05 -10.31 9.12
CA GLN A 108 7.93 -11.11 10.37
C GLN A 108 8.68 -12.45 10.27
N ARG A 109 8.59 -13.15 9.11
CA ARG A 109 9.23 -14.45 8.82
C ARG A 109 10.75 -14.39 8.61
N HIS A 110 11.27 -13.26 8.09
CA HIS A 110 12.70 -13.12 7.81
C HIS A 110 13.38 -12.04 8.62
N ARG A 111 12.85 -11.74 9.81
CA ARG A 111 13.35 -10.70 10.73
C ARG A 111 14.90 -10.66 10.85
N ALA A 112 15.51 -11.81 11.22
CA ALA A 112 16.94 -12.02 11.46
C ALA A 112 17.85 -11.84 10.23
N ARG A 113 17.28 -11.91 9.03
CA ARG A 113 17.97 -11.81 7.74
C ARG A 113 18.02 -10.37 7.17
N LEU A 114 16.99 -9.58 7.45
CA LEU A 114 16.91 -8.25 6.89
C LEU A 114 17.49 -7.21 7.87
N ASP A 115 18.46 -6.42 7.40
CA ASP A 115 19.16 -5.39 8.17
C ASP A 115 18.62 -4.02 7.78
N ALA A 116 19.11 -2.94 8.41
CA ALA A 116 18.64 -1.57 8.11
C ALA A 116 18.86 -1.12 6.64
N SER A 117 19.84 -1.71 5.91
CA SER A 117 20.07 -1.31 4.53
C SER A 117 19.06 -1.96 3.58
N ARG A 118 18.61 -3.19 3.93
CA ARG A 118 17.58 -3.89 3.17
C ARG A 118 16.24 -3.16 3.39
N LEU A 119 15.96 -2.75 4.65
CA LEU A 119 14.75 -2.00 4.95
C LEU A 119 14.71 -0.68 4.17
N LEU A 120 15.87 -0.06 3.96
CA LEU A 120 15.97 1.20 3.23
C LEU A 120 15.81 1.01 1.72
N LEU A 121 16.19 -0.17 1.22
CA LEU A 121 16.00 -0.58 -0.16
C LEU A 121 14.49 -0.71 -0.45
N TYR A 122 13.76 -1.44 0.42
CA TYR A 122 12.31 -1.62 0.36
C TYR A 122 11.64 -0.25 0.39
N SER A 123 12.04 0.62 1.35
CA SER A 123 11.55 1.99 1.52
C SER A 123 11.71 2.83 0.28
N SER A 124 12.85 2.67 -0.42
CA SER A 124 13.19 3.45 -1.60
C SER A 124 12.33 3.08 -2.80
N GLN A 125 12.12 1.79 -3.00
CA GLN A 125 11.31 1.23 -4.07
C GLN A 125 9.84 1.63 -3.91
N ILE A 126 9.32 1.57 -2.66
CA ILE A 126 7.94 1.92 -2.39
C ILE A 126 7.77 3.40 -2.76
N CYS A 127 8.69 4.24 -2.29
CA CYS A 127 8.71 5.67 -2.53
C CYS A 127 8.74 5.98 -4.06
N LYS A 128 9.64 5.30 -4.82
CA LYS A 128 9.75 5.45 -6.27
C LYS A 128 8.44 5.07 -6.95
N GLY A 129 7.80 4.01 -6.45
CA GLY A 129 6.49 3.58 -6.95
C GLY A 129 5.40 4.61 -6.68
N MET A 130 5.43 5.23 -5.48
CA MET A 130 4.48 6.27 -5.08
C MET A 130 4.70 7.55 -5.90
N GLU A 131 5.99 7.88 -6.19
CA GLU A 131 6.42 9.01 -7.07
C GLU A 131 5.69 8.87 -8.43
N TYR A 132 5.78 7.66 -9.04
CA TYR A 132 5.10 7.32 -10.28
C TYR A 132 3.56 7.37 -10.18
N LEU A 133 2.96 6.91 -9.05
CA LEU A 133 1.50 6.97 -8.87
C LEU A 133 0.98 8.41 -8.85
N GLY A 134 1.71 9.31 -8.18
CA GLY A 134 1.33 10.71 -8.13
C GLY A 134 1.50 11.44 -9.45
N SER A 135 2.46 10.98 -10.30
CA SER A 135 2.73 11.54 -11.64
C SER A 135 1.53 11.26 -12.54
N ARG A 136 0.89 10.08 -12.31
CA ARG A 136 -0.33 9.62 -13.01
C ARG A 136 -1.60 10.13 -12.37
N ARG A 137 -1.48 11.08 -11.41
CA ARG A 137 -2.57 11.75 -10.68
C ARG A 137 -3.40 10.79 -9.81
N CYS A 138 -2.82 9.64 -9.45
CA CYS A 138 -3.46 8.59 -8.71
C CYS A 138 -3.15 8.70 -7.24
N VAL A 139 -4.21 8.64 -6.40
CA VAL A 139 -4.12 8.59 -4.94
C VAL A 139 -4.43 7.12 -4.61
N HIS A 140 -3.55 6.44 -3.85
CA HIS A 140 -3.73 5.03 -3.49
C HIS A 140 -4.80 4.86 -2.36
N ARG A 141 -4.71 5.67 -1.27
CA ARG A 141 -5.62 5.67 -0.11
C ARG A 141 -5.57 4.43 0.79
N ASP A 142 -4.69 3.43 0.50
CA ASP A 142 -4.57 2.23 1.33
C ASP A 142 -3.12 1.75 1.44
N LEU A 143 -2.19 2.70 1.51
CA LEU A 143 -0.76 2.42 1.62
C LEU A 143 -0.45 1.96 3.05
N ALA A 144 0.08 0.71 3.16
CA ALA A 144 0.41 -0.02 4.38
C ALA A 144 1.23 -1.25 3.98
N ALA A 145 2.04 -1.79 4.93
CA ALA A 145 2.89 -2.95 4.62
C ALA A 145 2.11 -4.18 4.23
N ARG A 146 0.92 -4.37 4.80
CA ARG A 146 0.05 -5.51 4.47
C ARG A 146 -0.35 -5.49 3.00
N ASN A 147 -0.37 -4.28 2.34
CA ASN A 147 -0.79 -4.06 0.95
C ASN A 147 0.38 -3.90 -0.08
N ILE A 148 1.61 -4.21 0.33
CA ILE A 148 2.80 -4.21 -0.51
C ILE A 148 3.22 -5.69 -0.71
N LEU A 149 3.56 -6.10 -1.95
CA LEU A 149 3.97 -7.48 -2.28
C LEU A 149 5.48 -7.60 -2.56
N VAL A 150 6.05 -8.77 -2.26
CA VAL A 150 7.47 -9.04 -2.40
C VAL A 150 7.76 -9.84 -3.71
N GLU A 151 8.46 -9.21 -4.69
CA GLU A 151 8.87 -9.87 -5.93
C GLU A 151 10.04 -10.79 -5.65
N SER A 152 11.04 -10.29 -4.92
CA SER A 152 12.25 -11.05 -4.58
C SER A 152 12.87 -10.45 -3.31
N GLU A 153 13.98 -11.04 -2.83
CA GLU A 153 14.73 -10.59 -1.64
C GLU A 153 15.04 -9.09 -1.73
N ALA A 154 15.38 -8.61 -2.93
CA ALA A 154 15.74 -7.22 -3.16
C ALA A 154 14.71 -6.42 -4.03
N HIS A 155 13.45 -6.87 -4.11
CA HIS A 155 12.44 -6.20 -4.94
C HIS A 155 11.00 -6.25 -4.36
N VAL A 156 10.43 -5.06 -4.04
CA VAL A 156 9.05 -4.91 -3.54
C VAL A 156 8.18 -4.14 -4.56
N LYS A 157 6.86 -4.45 -4.60
CA LYS A 157 5.87 -3.84 -5.51
C LYS A 157 4.59 -3.42 -4.76
N ILE A 158 4.05 -2.22 -5.07
CA ILE A 158 2.79 -1.70 -4.50
C ILE A 158 1.61 -2.43 -5.17
N ALA A 159 0.62 -2.84 -4.33
CA ALA A 159 -0.58 -3.56 -4.75
C ALA A 159 -1.83 -3.01 -4.06
N ASP A 160 -3.00 -3.74 -4.22
CA ASP A 160 -4.32 -3.43 -3.67
C ASP A 160 -4.81 -2.05 -4.13
N PHE A 161 -5.26 -1.96 -5.39
CA PHE A 161 -5.74 -0.69 -5.96
C PHE A 161 -7.26 -0.54 -5.89
N GLY A 162 -7.87 -1.28 -4.95
CA GLY A 162 -9.32 -1.27 -4.70
C GLY A 162 -9.93 0.03 -4.24
N LEU A 163 -9.12 0.92 -3.60
CA LEU A 163 -9.58 2.23 -3.11
C LEU A 163 -8.95 3.40 -3.87
N ALA A 164 -8.14 3.08 -4.90
CA ALA A 164 -7.46 4.09 -5.68
C ALA A 164 -8.45 5.03 -6.40
N LYS A 165 -8.13 6.34 -6.39
CA LYS A 165 -8.89 7.39 -7.06
C LYS A 165 -7.99 8.18 -7.99
N LEU A 166 -8.56 8.73 -9.07
CA LEU A 166 -7.85 9.60 -9.99
C LEU A 166 -8.23 11.04 -9.67
N LEU A 167 -7.22 11.92 -9.53
CA LEU A 167 -7.48 13.31 -9.23
C LEU A 167 -7.84 14.02 -10.52
N PRO A 168 -8.89 14.88 -10.58
CA PRO A 168 -9.14 15.63 -11.84
C PRO A 168 -7.98 16.63 -12.06
N LEU A 169 -7.84 17.17 -13.29
CA LEU A 169 -6.77 18.11 -13.63
C LEU A 169 -6.80 19.41 -12.84
N ASP A 170 -8.01 19.88 -12.53
CA ASP A 170 -8.34 21.11 -11.78
C ASP A 170 -8.16 21.00 -10.25
N LYS A 171 -8.20 19.76 -9.70
CA LYS A 171 -8.10 19.48 -8.25
C LYS A 171 -6.83 18.75 -7.82
N ASP A 172 -6.37 19.02 -6.59
CA ASP A 172 -5.20 18.38 -5.95
C ASP A 172 -5.62 17.47 -4.77
N TYR A 173 -6.92 17.42 -4.44
CA TYR A 173 -7.44 16.58 -3.37
C TYR A 173 -8.74 15.93 -3.83
N TYR A 174 -9.24 14.97 -3.02
CA TYR A 174 -10.47 14.21 -3.26
C TYR A 174 -11.24 14.07 -1.95
N VAL A 175 -12.57 14.33 -1.98
CA VAL A 175 -13.41 14.26 -0.79
C VAL A 175 -14.33 13.04 -0.88
N VAL A 176 -14.12 12.07 0.04
CA VAL A 176 -14.88 10.82 0.05
C VAL A 176 -16.08 10.90 1.00
N PRO A 179 -16.93 8.00 4.65
CA PRO A 179 -16.22 7.46 5.82
C PRO A 179 -15.49 6.14 5.52
N GLY A 180 -14.20 6.11 5.85
CA GLY A 180 -13.31 4.98 5.60
C GLY A 180 -13.59 3.72 6.40
N GLN A 181 -13.33 2.56 5.77
CA GLN A 181 -13.52 1.24 6.35
C GLN A 181 -12.16 0.49 6.53
N SER A 182 -11.04 1.25 6.55
CA SER A 182 -9.70 0.69 6.75
C SER A 182 -9.23 0.96 8.18
N PRO A 183 -8.31 0.13 8.78
CA PRO A 183 -7.79 0.46 10.12
C PRO A 183 -7.32 1.90 10.15
N ILE A 184 -7.84 2.66 11.11
CA ILE A 184 -7.69 4.12 11.22
C ILE A 184 -6.27 4.61 11.47
N PHE A 185 -5.32 3.72 11.81
CA PHE A 185 -3.96 4.12 12.18
C PHE A 185 -3.04 4.51 11.00
N TRP A 186 -3.55 4.46 9.76
CA TRP A 186 -2.71 4.87 8.63
C TRP A 186 -3.21 6.15 8.01
N TYR A 187 -4.30 6.70 8.56
CA TYR A 187 -4.97 7.88 8.05
C TYR A 187 -4.35 9.17 8.50
N ALA A 188 -4.26 10.13 7.57
CA ALA A 188 -3.80 11.48 7.86
C ALA A 188 -4.91 12.17 8.70
N PRO A 189 -4.61 13.19 9.56
CA PRO A 189 -5.68 13.82 10.35
C PRO A 189 -6.80 14.41 9.50
N GLU A 190 -6.48 15.01 8.33
CA GLU A 190 -7.49 15.59 7.42
C GLU A 190 -8.40 14.53 6.79
N SER A 191 -7.94 13.27 6.76
CA SER A 191 -8.78 12.17 6.27
C SER A 191 -9.72 11.77 7.40
N LEU A 192 -9.19 11.71 8.65
CA LEU A 192 -9.97 11.39 9.86
C LEU A 192 -11.07 12.43 10.15
N SER A 193 -10.67 13.71 10.22
CA SER A 193 -11.56 14.83 10.50
C SER A 193 -12.47 15.25 9.34
N ASP A 194 -12.03 15.15 8.05
CA ASP A 194 -12.85 15.67 6.93
C ASP A 194 -12.94 14.82 5.65
N ASN A 195 -12.38 13.58 5.62
CA ASN A 195 -12.41 12.68 4.45
C ASN A 195 -11.70 13.23 3.21
N ILE A 196 -10.69 14.09 3.45
CA ILE A 196 -9.87 14.70 2.39
C ILE A 196 -8.74 13.70 2.12
N PHE A 197 -8.58 13.33 0.85
CA PHE A 197 -7.55 12.40 0.40
C PHE A 197 -6.77 13.04 -0.73
N SER A 198 -5.44 12.92 -0.68
CA SER A 198 -4.53 13.55 -1.64
C SER A 198 -3.23 12.78 -1.68
N ARG A 199 -2.28 13.24 -2.53
CA ARG A 199 -0.93 12.68 -2.61
C ARG A 199 -0.24 12.84 -1.25
N GLN A 200 -0.55 13.96 -0.53
CA GLN A 200 -0.01 14.31 0.79
C GLN A 200 -0.60 13.46 1.91
N SER A 201 -1.79 12.85 1.71
CA SER A 201 -2.28 11.94 2.74
C SER A 201 -1.60 10.58 2.51
N ASP A 202 -1.17 10.30 1.25
CA ASP A 202 -0.41 9.09 0.92
C ASP A 202 0.98 9.14 1.55
N VAL A 203 1.54 10.38 1.68
CA VAL A 203 2.83 10.67 2.34
C VAL A 203 2.72 10.39 3.84
N TRP A 204 1.58 10.76 4.49
CA TRP A 204 1.34 10.45 5.91
C TRP A 204 1.41 8.94 6.05
N SER A 205 0.55 8.21 5.32
CA SER A 205 0.52 6.74 5.31
C SER A 205 1.91 6.15 5.12
N PHE A 206 2.70 6.71 4.15
CA PHE A 206 4.07 6.28 3.90
C PHE A 206 4.96 6.32 5.17
N GLY A 207 4.80 7.38 5.99
CA GLY A 207 5.49 7.52 7.28
C GLY A 207 5.19 6.35 8.20
N VAL A 208 3.92 5.85 8.14
CA VAL A 208 3.48 4.68 8.91
C VAL A 208 4.11 3.42 8.30
N VAL A 209 4.25 3.36 6.96
CA VAL A 209 4.94 2.24 6.29
C VAL A 209 6.41 2.13 6.79
N LEU A 210 7.17 3.25 6.87
CA LEU A 210 8.56 3.24 7.41
C LEU A 210 8.59 2.71 8.84
N TYR A 211 7.71 3.23 9.71
CA TYR A 211 7.56 2.77 11.09
C TYR A 211 7.33 1.23 11.09
N GLU A 212 6.44 0.72 10.20
CA GLU A 212 6.14 -0.71 10.08
C GLU A 212 7.36 -1.49 9.66
N LEU A 213 8.13 -0.95 8.69
CA LEU A 213 9.35 -1.57 8.18
C LEU A 213 10.42 -1.71 9.29
N PHE A 214 10.66 -0.63 10.07
CA PHE A 214 11.69 -0.60 11.11
C PHE A 214 11.25 -1.32 12.41
N THR A 215 9.98 -1.76 12.50
CA THR A 215 9.48 -2.59 13.61
C THR A 215 9.36 -4.02 13.08
N TYR A 216 9.70 -4.25 11.79
CA TYR A 216 9.60 -5.55 11.08
C TYR A 216 8.15 -6.10 11.15
N CYS A 217 7.16 -5.18 11.18
CA CYS A 217 5.75 -5.49 11.32
C CYS A 217 5.44 -6.34 12.54
N ASP A 218 6.14 -6.03 13.65
CA ASP A 218 5.97 -6.73 14.91
C ASP A 218 4.60 -6.39 15.46
N LYS A 219 3.84 -7.42 15.89
CA LYS A 219 2.49 -7.19 16.40
C LYS A 219 2.43 -6.32 17.69
N SER A 220 3.27 -6.62 18.68
CA SER A 220 3.29 -5.96 19.98
C SER A 220 3.61 -4.45 19.93
N CYS A 221 4.29 -3.99 18.88
CA CYS A 221 4.56 -2.56 18.73
C CYS A 221 4.00 -2.03 17.39
N SER A 222 3.00 -2.74 16.84
CA SER A 222 2.31 -2.39 15.59
C SER A 222 1.59 -1.04 15.71
N PRO A 223 1.31 -0.30 14.60
CA PRO A 223 0.58 0.97 14.73
C PRO A 223 -0.70 0.87 15.57
N SER A 224 -1.49 -0.22 15.41
CA SER A 224 -2.69 -0.44 16.24
C SER A 224 -2.36 -0.58 17.74
N ALA A 225 -1.44 -1.50 18.08
CA ALA A 225 -1.04 -1.80 19.46
C ALA A 225 -0.55 -0.56 20.19
N GLU A 226 0.40 0.17 19.58
CA GLU A 226 1.00 1.33 20.19
C GLU A 226 0.04 2.53 20.26
N PHE A 227 -0.81 2.78 19.23
CA PHE A 227 -1.75 3.90 19.30
C PHE A 227 -2.85 3.65 20.35
N LEU A 228 -3.41 2.41 20.42
CA LEU A 228 -4.46 2.05 21.40
C LEU A 228 -4.03 2.14 22.86
N ARG A 229 -2.71 2.07 23.09
CA ARG A 229 -2.12 2.17 24.42
C ARG A 229 -2.05 3.65 24.79
N MET A 230 -1.68 4.49 23.83
CA MET A 230 -1.56 5.93 24.01
C MET A 230 -2.93 6.61 24.11
N MET A 231 -3.92 6.07 23.35
CA MET A 231 -5.32 6.49 23.36
C MET A 231 -5.94 6.04 24.70
N VAL A 237 -16.12 9.28 24.47
CA VAL A 237 -15.94 9.77 23.09
C VAL A 237 -15.42 8.67 22.15
N PRO A 238 -15.80 8.64 20.84
CA PRO A 238 -15.34 7.54 19.95
C PRO A 238 -13.83 7.48 19.69
N ALA A 239 -13.36 6.27 19.35
CA ALA A 239 -11.97 5.92 19.09
C ALA A 239 -11.30 6.82 18.04
N LEU A 240 -11.95 7.01 16.86
CA LEU A 240 -11.49 7.87 15.75
C LEU A 240 -11.20 9.28 16.30
N SER A 241 -12.14 9.79 17.14
CA SER A 241 -12.04 11.10 17.78
C SER A 241 -10.86 11.18 18.77
N ARG A 242 -10.66 10.11 19.57
CA ARG A 242 -9.54 10.00 20.52
C ARG A 242 -8.20 10.07 19.77
N LEU A 243 -8.04 9.24 18.72
CA LEU A 243 -6.84 9.21 17.86
C LEU A 243 -6.59 10.58 17.26
N LEU A 244 -7.65 11.24 16.75
CA LEU A 244 -7.57 12.57 16.17
C LEU A 244 -7.16 13.62 17.22
N GLU A 245 -7.71 13.57 18.45
CA GLU A 245 -7.35 14.48 19.54
C GLU A 245 -5.86 14.36 19.84
N LEU A 246 -5.36 13.11 19.94
CA LEU A 246 -3.97 12.73 20.16
C LEU A 246 -3.03 13.33 19.07
N LEU A 247 -3.39 13.14 17.77
CA LEU A 247 -2.59 13.63 16.64
C LEU A 247 -2.55 15.15 16.55
N GLU A 248 -3.67 15.82 16.91
CA GLU A 248 -3.78 17.27 16.93
C GLU A 248 -2.86 17.87 18.00
N GLU A 249 -2.75 17.17 19.16
CA GLU A 249 -1.89 17.52 20.30
C GLU A 249 -0.40 17.48 19.93
N GLY A 250 -0.08 16.83 18.83
CA GLY A 250 1.29 16.68 18.34
C GLY A 250 1.93 15.37 18.76
N GLN A 251 1.15 14.49 19.40
CA GLN A 251 1.62 13.16 19.80
C GLN A 251 1.76 12.26 18.58
N ARG A 252 2.79 11.41 18.58
CA ARG A 252 3.06 10.53 17.44
C ARG A 252 3.48 9.15 17.94
N LEU A 253 3.67 8.20 17.03
CA LEU A 253 4.18 6.87 17.38
C LEU A 253 5.65 7.05 17.80
N PRO A 254 6.15 6.25 18.77
CA PRO A 254 7.55 6.43 19.19
C PRO A 254 8.53 5.83 18.21
N ALA A 255 9.81 6.23 18.26
CA ALA A 255 10.82 5.63 17.38
C ALA A 255 10.86 4.11 17.59
N PRO A 256 10.76 3.27 16.53
CA PRO A 256 10.81 1.81 16.74
C PRO A 256 12.07 1.38 17.52
N PRO A 257 12.09 0.23 18.25
CA PRO A 257 13.32 -0.13 18.97
C PRO A 257 14.51 -0.27 18.00
N ALA A 258 15.67 0.36 18.34
CA ALA A 258 16.95 0.39 17.58
C ALA A 258 16.83 1.05 16.22
N CYS A 259 15.92 2.01 16.06
CA CYS A 259 15.70 2.71 14.81
C CYS A 259 16.79 3.76 14.59
N PRO A 260 17.43 3.79 13.38
CA PRO A 260 18.38 4.87 13.07
C PRO A 260 17.61 6.20 13.17
N ALA A 261 18.18 7.16 13.88
CA ALA A 261 17.57 8.48 14.10
C ALA A 261 17.14 9.19 12.82
N GLU A 262 17.96 9.11 11.74
CA GLU A 262 17.70 9.77 10.45
C GLU A 262 16.38 9.30 9.86
N VAL A 263 16.11 7.98 10.00
CA VAL A 263 14.88 7.32 9.55
C VAL A 263 13.70 7.88 10.35
N HIS A 264 13.80 7.88 11.70
CA HIS A 264 12.78 8.43 12.60
C HIS A 264 12.49 9.92 12.31
N GLU A 265 13.52 10.72 11.99
CA GLU A 265 13.34 12.12 11.58
C GLU A 265 12.50 12.23 10.26
N LEU A 266 12.71 11.29 9.30
CA LEU A 266 11.94 11.22 8.04
C LEU A 266 10.47 10.86 8.32
N MET A 267 10.19 9.89 9.22
CA MET A 267 8.82 9.53 9.61
C MET A 267 8.18 10.81 10.17
N LYS A 268 8.88 11.52 11.11
CA LYS A 268 8.38 12.79 11.68
C LYS A 268 8.07 13.86 10.63
N LEU A 269 8.79 13.87 9.49
CA LEU A 269 8.55 14.81 8.40
C LEU A 269 7.25 14.47 7.66
N CYS A 270 7.00 13.17 7.38
CA CYS A 270 5.78 12.64 6.75
C CYS A 270 4.52 12.88 7.61
N TRP A 271 4.72 12.99 8.95
CA TRP A 271 3.62 13.20 9.89
C TRP A 271 3.37 14.68 10.25
N ALA A 272 3.81 15.63 9.41
CA ALA A 272 3.58 17.07 9.59
C ALA A 272 2.06 17.31 9.64
N PRO A 273 1.54 18.08 10.63
CA PRO A 273 0.08 18.30 10.72
C PRO A 273 -0.58 18.82 9.44
N SER A 274 0.09 19.77 8.74
CA SER A 274 -0.42 20.37 7.49
C SER A 274 0.10 19.64 6.27
N PRO A 275 -0.83 19.20 5.38
CA PRO A 275 -0.41 18.50 4.15
C PRO A 275 0.70 19.16 3.31
N GLN A 276 0.65 20.50 3.22
CA GLN A 276 1.61 21.33 2.48
C GLN A 276 3.04 21.31 3.08
N ASP A 277 3.19 20.92 4.36
CA ASP A 277 4.50 20.89 5.04
C ASP A 277 5.21 19.53 4.99
N ARG A 278 4.48 18.51 4.51
CA ARG A 278 4.98 17.13 4.33
C ARG A 278 5.88 17.10 3.11
N PRO A 279 6.99 16.34 3.17
CA PRO A 279 7.86 16.22 2.00
C PRO A 279 7.18 15.46 0.86
N SER A 280 7.51 15.80 -0.37
CA SER A 280 6.95 15.08 -1.51
C SER A 280 7.71 13.76 -1.66
N PHE A 281 7.11 12.77 -2.38
CA PHE A 281 7.78 11.50 -2.69
C PHE A 281 9.11 11.74 -3.45
N SER A 282 9.14 12.71 -4.40
CA SER A 282 10.40 13.05 -5.10
C SER A 282 11.46 13.66 -4.18
N ALA A 283 11.05 14.31 -3.07
CA ALA A 283 12.00 14.86 -2.09
C ALA A 283 12.52 13.73 -1.18
N LEU A 284 11.64 12.80 -0.75
CA LEU A 284 12.01 11.66 0.12
C LEU A 284 12.96 10.64 -0.53
N GLY A 285 12.82 10.46 -1.85
CA GLY A 285 13.58 9.53 -2.67
C GLY A 285 15.08 9.61 -2.50
N PRO A 286 15.72 10.76 -2.87
CA PRO A 286 17.18 10.90 -2.69
C PRO A 286 17.65 10.75 -1.25
N GLN A 287 16.83 11.21 -0.29
CA GLN A 287 17.11 11.08 1.15
C GLN A 287 17.19 9.61 1.59
N LEU A 288 16.29 8.76 1.05
CA LEU A 288 16.27 7.34 1.35
C LEU A 288 17.41 6.62 0.66
N ASP A 289 17.73 7.00 -0.58
CA ASP A 289 18.86 6.44 -1.34
C ASP A 289 20.19 6.75 -0.65
N MET A 290 20.38 8.01 -0.16
CA MET A 290 21.59 8.45 0.54
C MET A 290 21.88 7.65 1.81
N LEU A 291 20.83 7.16 2.48
CA LEU A 291 20.95 6.32 3.67
C LEU A 291 21.22 4.84 3.29
N TRP A 292 20.96 4.43 2.00
CA TRP A 292 21.18 3.15 1.27
C TRP A 292 20.08 2.10 1.38
C1 9Z4 B . -1.25 -11.67 -3.82
N2 9Z4 B . -0.14 -12.22 -4.42
N3 9Z4 B . 0.31 -11.99 -5.70
C4 9Z4 B . -0.41 -11.13 -6.35
C5 9Z4 B . -1.56 -10.44 -5.89
C6 9Z4 B . -2.01 -10.71 -4.58
C7 9Z4 B . -1.32 -12.18 -2.53
C8 9Z4 B . -0.24 -13.05 -2.38
C9 9Z4 B . 0.48 -13.06 -3.56
C10 9Z4 B . -2.23 -9.42 -6.76
N11 9Z4 B . -1.85 -9.34 -8.03
O12 9Z4 B . -3.07 -8.64 -6.30
N13 9Z4 B . -3.11 -10.11 -4.09
C14 9Z4 B . -3.80 -10.17 -2.81
C15 9Z4 B . -3.19 -9.24 -1.79
C16 9Z4 B . -2.83 -7.94 -2.14
C17 9Z4 B . -2.25 -7.10 -1.22
C18 9Z4 B . -2.01 -7.53 0.07
C19 9Z4 B . -2.37 -8.83 0.45
C20 9Z4 B . -2.97 -9.66 -0.49
N21 9Z4 B . -2.16 -9.24 1.79
C22 9Z4 B . -1.88 -10.48 2.24
C23 9Z4 B . -1.64 -10.54 3.70
O24 9Z4 B . -1.79 -11.47 1.51
C25 9Z4 B . -0.37 -9.84 4.11
#